data_4JQV
#
_entry.id   4JQV
#
_cell.length_a   50.848
_cell.length_b   81.251
_cell.length_c   110.892
_cell.angle_alpha   90.00
_cell.angle_beta   90.00
_cell.angle_gamma   90.00
#
_symmetry.space_group_name_H-M   'P 21 21 21'
#
loop_
_entity.id
_entity.type
_entity.pdbx_description
1 polymer 'HLA class I histocompatibility antigen, B-18 alpha chain'
2 polymer Beta-2-microglobulin
3 polymer 'Trans-activator protein BZLF1'
4 non-polymer 'ACETATE ION'
5 water water
#
loop_
_entity_poly.entity_id
_entity_poly.type
_entity_poly.pdbx_seq_one_letter_code
_entity_poly.pdbx_strand_id
1 'polypeptide(L)'
;GSHSMRYFHTSVSRPGRGEPRFISVGYVDGTQFVRFDSDAASPRTEPRAPWIEQEGPEYWDRNTQISKTNTQTYRESLRN
LRGYYNQSEAGSHTLQRMYGCDVGPDGRLLRGHDQSAYDGKDYIALNEDLSSWTAADTAAQITQRKWEAARVAEQLRAYL
EGTCVEWLRRHLENGKETLQRADPPKTHVTHHPISDHEATLRCWALGFYPAEITLTWQRDGEDQTQDTELVETRPAGDRT
FQKWAAVVVPSGEEQRYTCHVQHEGLPKPLTLRWEPSS
;
A
2 'polypeptide(L)'
;IQRTPKIQVYSRHPAENGKSNFLNCYVSGFHPSDIEVDLLKNGERIEKVEHSDLSFSKDWSFYLLYYTEFTPTEKDEYAC
RVNHVTLSQPKIVKWDRDM
;
C
3 'polypeptide(L)' SELEIKRY B
#
# COMPACT_ATOMS: atom_id res chain seq x y z
N GLY A 1 6.10 17.06 9.15
CA GLY A 1 4.95 17.96 9.21
C GLY A 1 3.71 17.27 9.73
N SER A 2 2.80 16.93 8.81
CA SER A 2 1.56 16.26 9.17
CA SER A 2 1.56 16.26 9.17
C SER A 2 1.73 14.75 9.16
N HIS A 3 0.88 14.05 9.90
CA HIS A 3 1.01 12.60 10.04
C HIS A 3 -0.33 11.91 10.14
N SER A 4 -0.31 10.60 9.92
CA SER A 4 -1.54 9.84 10.01
C SER A 4 -1.30 8.49 10.66
N MET A 5 -2.31 8.00 11.38
CA MET A 5 -2.36 6.57 11.72
C MET A 5 -3.54 5.96 10.98
N ARG A 6 -3.32 4.84 10.31
CA ARG A 6 -4.40 4.21 9.58
C ARG A 6 -4.33 2.70 9.72
N TYR A 7 -5.48 2.09 9.94
CA TYR A 7 -5.62 0.65 9.90
C TYR A 7 -6.37 0.23 8.66
N PHE A 8 -5.90 -0.87 8.07
CA PHE A 8 -6.44 -1.41 6.84
C PHE A 8 -6.91 -2.83 7.10
N HIS A 9 -8.22 -2.99 7.02
CA HIS A 9 -8.89 -4.26 7.28
C HIS A 9 -9.35 -4.91 5.99
N THR A 10 -8.97 -6.18 5.79
CA THR A 10 -9.44 -6.96 4.65
C THR A 10 -10.02 -8.29 5.15
N SER A 11 -11.28 -8.55 4.81
CA SER A 11 -11.96 -9.79 5.14
C SER A 11 -12.45 -10.39 3.85
N VAL A 12 -12.12 -11.67 3.64
CA VAL A 12 -12.43 -12.32 2.37
C VAL A 12 -13.07 -13.67 2.62
N SER A 13 -14.29 -13.85 2.13
CA SER A 13 -14.94 -15.16 2.26
C SER A 13 -14.39 -16.13 1.23
N ARG A 14 -14.52 -17.41 1.51
CA ARG A 14 -13.96 -18.45 0.65
C ARG A 14 -14.78 -19.73 0.85
N PRO A 15 -15.98 -19.76 0.24
CA PRO A 15 -16.88 -20.90 0.46
C PRO A 15 -16.22 -22.23 0.15
N GLY A 16 -16.32 -23.17 1.09
CA GLY A 16 -15.73 -24.49 0.94
C GLY A 16 -14.32 -24.57 1.49
N ARG A 17 -13.75 -23.42 1.85
CA ARG A 17 -12.38 -23.37 2.35
C ARG A 17 -12.27 -22.70 3.72
N GLY A 18 -13.27 -22.93 4.55
CA GLY A 18 -13.27 -22.41 5.91
C GLY A 18 -13.94 -21.06 6.01
N GLU A 19 -13.79 -20.44 7.17
CA GLU A 19 -14.39 -19.15 7.47
C GLU A 19 -13.59 -18.00 6.85
N PRO A 20 -14.21 -16.85 6.69
CA PRO A 20 -13.49 -15.74 6.04
C PRO A 20 -12.22 -15.31 6.78
N ARG A 21 -11.14 -15.14 6.03
CA ARG A 21 -9.88 -14.69 6.61
C ARG A 21 -9.95 -13.20 6.88
N PHE A 22 -9.49 -12.78 8.04
CA PHE A 22 -9.39 -11.35 8.40
C PHE A 22 -7.93 -10.99 8.58
N ILE A 23 -7.50 -9.94 7.88
CA ILE A 23 -6.18 -9.37 8.05
C ILE A 23 -6.35 -7.89 8.41
N SER A 24 -5.64 -7.44 9.45
CA SER A 24 -5.55 -6.03 9.78
C SER A 24 -4.10 -5.62 9.78
N VAL A 25 -3.77 -4.53 9.12
CA VAL A 25 -2.42 -3.96 9.22
C VAL A 25 -2.53 -2.51 9.64
N GLY A 26 -1.59 -2.07 10.48
CA GLY A 26 -1.57 -0.69 10.92
C GLY A 26 -0.36 0.06 10.39
N TYR A 27 -0.58 1.32 10.02
CA TYR A 27 0.48 2.19 9.50
C TYR A 27 0.51 3.51 10.25
N VAL A 28 1.71 4.05 10.42
CA VAL A 28 1.86 5.48 10.69
C VAL A 28 2.52 6.03 9.44
N ASP A 29 1.83 6.95 8.77
CA ASP A 29 2.30 7.43 7.47
C ASP A 29 2.58 6.23 6.56
N GLY A 30 3.76 6.17 5.94
CA GLY A 30 4.10 5.06 5.07
C GLY A 30 4.78 3.87 5.73
N THR A 31 4.79 3.85 7.06
CA THR A 31 5.47 2.81 7.82
C THR A 31 4.49 1.86 8.50
N GLN A 32 4.50 0.59 8.09
CA GLN A 32 3.65 -0.40 8.76
C GLN A 32 4.24 -0.70 10.13
N PHE A 33 3.41 -0.86 11.15
CA PHE A 33 3.93 -1.12 12.50
C PHE A 33 3.27 -2.30 13.22
N VAL A 34 2.10 -2.74 12.76
CA VAL A 34 1.49 -3.96 13.30
C VAL A 34 0.77 -4.76 12.23
N ARG A 35 0.54 -6.03 12.54
CA ARG A 35 -0.33 -6.89 11.74
C ARG A 35 -1.11 -7.84 12.62
N PHE A 36 -2.21 -8.35 12.08
CA PHE A 36 -2.98 -9.45 12.67
C PHE A 36 -3.53 -10.27 11.51
N ASP A 37 -3.47 -11.60 11.61
CA ASP A 37 -3.93 -12.48 10.54
C ASP A 37 -4.69 -13.64 11.20
N SER A 38 -5.98 -13.73 10.95
CA SER A 38 -6.79 -14.81 11.52
C SER A 38 -6.35 -16.20 11.05
N ASP A 39 -5.58 -16.28 9.96
CA ASP A 39 -5.09 -17.58 9.47
C ASP A 39 -3.77 -18.03 10.11
N ALA A 40 -3.16 -17.17 10.92
CA ALA A 40 -1.90 -17.53 11.57
C ALA A 40 -2.08 -18.73 12.49
N ALA A 41 -1.01 -19.50 12.69
CA ALA A 41 -1.08 -20.63 13.61
C ALA A 41 -1.63 -20.20 14.97
N SER A 42 -1.12 -19.08 15.47
CA SER A 42 -1.64 -18.49 16.69
CA SER A 42 -1.64 -18.49 16.69
C SER A 42 -1.89 -17.00 16.48
N PRO A 43 -3.09 -16.64 16.01
CA PRO A 43 -3.37 -15.24 15.68
C PRO A 43 -3.14 -14.29 16.86
N ARG A 44 -2.29 -13.30 16.63
CA ARG A 44 -1.91 -12.30 17.62
C ARG A 44 -1.60 -11.02 16.88
N THR A 45 -1.86 -9.87 17.51
CA THR A 45 -1.32 -8.62 17.01
C THR A 45 0.18 -8.69 17.16
N GLU A 46 0.90 -8.42 16.07
CA GLU A 46 2.35 -8.61 16.01
C GLU A 46 3.06 -7.33 15.60
N PRO A 47 4.23 -7.05 16.21
CA PRO A 47 4.97 -5.86 15.80
C PRO A 47 5.60 -6.02 14.42
N ARG A 48 5.60 -4.94 13.64
CA ARG A 48 6.23 -4.92 12.32
C ARG A 48 7.17 -3.72 12.11
N ALA A 49 7.42 -2.96 13.16
CA ALA A 49 8.42 -1.90 13.17
C ALA A 49 9.12 -1.92 14.53
N PRO A 50 10.41 -1.60 14.56
CA PRO A 50 11.15 -1.75 15.83
C PRO A 50 10.62 -0.88 16.97
N TRP A 51 10.14 0.32 16.67
CA TRP A 51 9.78 1.26 17.74
C TRP A 51 8.53 0.87 18.51
N ILE A 52 7.70 -0.02 17.96
CA ILE A 52 6.48 -0.44 18.63
C ILE A 52 6.75 -1.58 19.61
N GLU A 53 7.91 -2.23 19.47
CA GLU A 53 8.22 -3.42 20.27
C GLU A 53 8.28 -3.15 21.77
N GLN A 54 8.57 -1.91 22.15
CA GLN A 54 8.62 -1.56 23.57
C GLN A 54 7.27 -1.55 24.27
N GLU A 55 6.17 -1.56 23.53
CA GLU A 55 4.86 -1.58 24.17
C GLU A 55 4.71 -2.84 25.02
N GLY A 56 4.03 -2.69 26.16
CA GLY A 56 3.91 -3.77 27.11
C GLY A 56 2.87 -4.80 26.72
N PRO A 57 2.80 -5.92 27.46
CA PRO A 57 1.88 -7.01 27.15
C PRO A 57 0.42 -6.56 27.05
N GLU A 58 0.04 -5.55 27.84
CA GLU A 58 -1.34 -5.08 27.81
C GLU A 58 -1.71 -4.58 26.42
N TYR A 59 -0.80 -3.86 25.77
CA TYR A 59 -1.03 -3.40 24.40
C TYR A 59 -1.26 -4.57 23.45
N TRP A 60 -0.39 -5.57 23.51
CA TRP A 60 -0.49 -6.71 22.61
C TRP A 60 -1.71 -7.56 22.89
N ASP A 61 -2.00 -7.79 24.16
CA ASP A 61 -3.19 -8.53 24.55
C ASP A 61 -4.49 -7.83 24.15
N ARG A 62 -4.59 -6.53 24.42
CA ARG A 62 -5.80 -5.77 24.11
C ARG A 62 -6.04 -5.72 22.61
N ASN A 63 -4.99 -5.43 21.85
CA ASN A 63 -5.15 -5.38 20.40
C ASN A 63 -5.47 -6.74 19.79
N THR A 64 -4.90 -7.80 20.37
CA THR A 64 -5.22 -9.14 19.93
C THR A 64 -6.69 -9.45 20.18
N GLN A 65 -7.18 -9.07 21.36
CA GLN A 65 -8.59 -9.26 21.71
C GLN A 65 -9.51 -8.53 20.72
N ILE A 66 -9.18 -7.25 20.47
CA ILE A 66 -9.96 -6.44 19.55
C ILE A 66 -10.01 -7.09 18.17
N SER A 67 -8.86 -7.57 17.68
CA SER A 67 -8.81 -8.18 16.36
C SER A 67 -9.53 -9.53 16.29
N LYS A 68 -9.50 -10.29 17.37
CA LYS A 68 -10.26 -11.54 17.37
C LYS A 68 -11.76 -11.26 17.35
N THR A 69 -12.17 -10.24 18.08
CA THR A 69 -13.57 -9.83 18.10
C THR A 69 -13.96 -9.31 16.71
N ASN A 70 -13.10 -8.47 16.15
CA ASN A 70 -13.35 -7.94 14.81
C ASN A 70 -13.45 -9.05 13.76
N THR A 71 -12.65 -10.11 13.91
CA THR A 71 -12.73 -11.23 12.96
C THR A 71 -14.16 -11.75 12.88
N GLN A 72 -14.75 -11.96 14.05
CA GLN A 72 -16.11 -12.49 14.10
CA GLN A 72 -16.10 -12.49 14.10
C GLN A 72 -17.11 -11.48 13.57
N THR A 73 -16.94 -10.20 13.92
CA THR A 73 -17.85 -9.18 13.43
C THR A 73 -17.83 -9.08 11.90
N TYR A 74 -16.64 -9.13 11.31
CA TYR A 74 -16.58 -9.09 9.86
C TYR A 74 -17.18 -10.33 9.20
N ARG A 75 -17.07 -11.47 9.85
CA ARG A 75 -17.69 -12.68 9.32
C ARG A 75 -19.22 -12.54 9.32
N GLU A 76 -19.77 -12.06 10.43
CA GLU A 76 -21.20 -11.79 10.50
C GLU A 76 -21.62 -10.75 9.46
N SER A 77 -20.77 -9.74 9.29
CA SER A 77 -21.05 -8.69 8.32
C SER A 77 -21.04 -9.18 6.88
N LEU A 78 -20.09 -10.05 6.53
CA LEU A 78 -20.10 -10.66 5.20
C LEU A 78 -21.38 -11.46 4.94
N ARG A 79 -21.86 -12.19 5.94
CA ARG A 79 -23.14 -12.89 5.83
C ARG A 79 -24.27 -11.90 5.56
N ASN A 80 -24.25 -10.78 6.28
CA ASN A 80 -25.27 -9.77 6.08
C ASN A 80 -25.22 -9.14 4.70
N LEU A 81 -24.02 -8.79 4.24
CA LEU A 81 -23.92 -8.13 2.95
C LEU A 81 -24.32 -9.03 1.79
N ARG A 82 -24.01 -10.32 1.90
CA ARG A 82 -24.45 -11.27 0.89
C ARG A 82 -25.97 -11.20 0.76
N GLY A 83 -26.66 -11.12 1.89
CA GLY A 83 -28.11 -10.99 1.92
C GLY A 83 -28.59 -9.67 1.35
N TYR A 84 -27.92 -8.58 1.71
CA TYR A 84 -28.31 -7.26 1.19
C TYR A 84 -28.24 -7.18 -0.32
N TYR A 85 -27.41 -8.01 -0.94
CA TYR A 85 -27.23 -7.98 -2.40
C TYR A 85 -27.85 -9.21 -3.10
N ASN A 86 -28.59 -10.00 -2.33
CA ASN A 86 -29.22 -11.22 -2.84
C ASN A 86 -28.23 -12.17 -3.51
N GLN A 87 -27.05 -12.31 -2.89
CA GLN A 87 -26.00 -13.14 -3.46
C GLN A 87 -26.04 -14.57 -2.94
N SER A 88 -25.57 -15.50 -3.77
CA SER A 88 -25.58 -16.90 -3.35
C SER A 88 -24.46 -17.18 -2.35
N GLU A 89 -24.53 -18.35 -1.73
CA GLU A 89 -23.52 -18.77 -0.76
C GLU A 89 -22.27 -19.25 -1.46
N ALA A 90 -22.32 -19.36 -2.78
CA ALA A 90 -21.22 -20.00 -3.52
C ALA A 90 -20.05 -19.07 -3.84
N GLY A 91 -20.30 -17.77 -3.86
CA GLY A 91 -19.27 -16.83 -4.30
C GLY A 91 -18.42 -16.29 -3.17
N SER A 92 -17.20 -15.93 -3.52
CA SER A 92 -16.31 -15.27 -2.58
CA SER A 92 -16.32 -15.27 -2.57
CA SER A 92 -16.29 -15.27 -2.59
C SER A 92 -16.53 -13.77 -2.65
N HIS A 93 -16.44 -13.12 -1.50
CA HIS A 93 -16.61 -11.66 -1.41
C HIS A 93 -15.61 -11.04 -0.46
N THR A 94 -15.40 -9.74 -0.64
CA THR A 94 -14.40 -8.99 0.11
C THR A 94 -15.05 -7.80 0.80
N LEU A 95 -14.74 -7.63 2.09
CA LEU A 95 -15.16 -6.45 2.84
C LEU A 95 -13.89 -5.76 3.32
N GLN A 96 -13.69 -4.50 2.93
CA GLN A 96 -12.53 -3.73 3.33
C GLN A 96 -12.94 -2.53 4.14
N ARG A 97 -12.11 -2.16 5.11
CA ARG A 97 -12.34 -0.93 5.86
C ARG A 97 -11.01 -0.27 6.10
N MET A 98 -10.95 1.05 5.94
CA MET A 98 -9.78 1.81 6.35
CA MET A 98 -9.78 1.80 6.37
C MET A 98 -10.24 2.92 7.29
N TYR A 99 -9.58 3.05 8.42
CA TYR A 99 -9.98 4.04 9.40
C TYR A 99 -8.76 4.58 10.13
N GLY A 100 -8.90 5.79 10.65
CA GLY A 100 -7.83 6.37 11.44
C GLY A 100 -7.86 7.87 11.41
N CYS A 101 -6.76 8.47 11.84
CA CYS A 101 -6.73 9.90 12.09
C CYS A 101 -5.53 10.58 11.44
N ASP A 102 -5.69 11.85 11.10
CA ASP A 102 -4.60 12.67 10.59
C ASP A 102 -4.39 13.82 11.55
N VAL A 103 -3.13 14.15 11.83
CA VAL A 103 -2.82 15.29 12.69
C VAL A 103 -1.86 16.24 11.99
N GLY A 104 -1.89 17.51 12.40
CA GLY A 104 -0.93 18.47 11.89
C GLY A 104 0.34 18.46 12.72
N PRO A 105 1.28 19.35 12.37
CA PRO A 105 2.58 19.48 13.05
C PRO A 105 2.45 19.63 14.56
N ASP A 106 1.38 20.27 15.02
CA ASP A 106 1.18 20.49 16.45
C ASP A 106 0.49 19.31 17.11
N GLY A 107 0.20 18.28 16.33
CA GLY A 107 -0.41 17.07 16.86
C GLY A 107 -1.92 17.13 17.04
N ARG A 108 -2.54 18.22 16.58
CA ARG A 108 -3.99 18.35 16.71
C ARG A 108 -4.70 17.61 15.57
N LEU A 109 -5.86 17.05 15.88
CA LEU A 109 -6.66 16.35 14.87
C LEU A 109 -7.00 17.25 13.69
N LEU A 110 -6.61 16.82 12.49
CA LEU A 110 -6.95 17.51 11.26
C LEU A 110 -8.24 16.95 10.70
N ARG A 111 -8.30 15.62 10.63
CA ARG A 111 -9.53 14.93 10.32
C ARG A 111 -9.46 13.46 10.60
N GLY A 112 -10.63 12.84 10.68
CA GLY A 112 -10.75 11.41 10.90
C GLY A 112 -11.35 10.71 9.70
N HIS A 113 -11.19 9.38 9.66
CA HIS A 113 -11.62 8.58 8.52
C HIS A 113 -12.22 7.27 9.00
N ASP A 114 -13.29 6.83 8.33
CA ASP A 114 -13.82 5.49 8.53
C ASP A 114 -14.58 5.11 7.27
N GLN A 115 -13.92 4.41 6.35
CA GLN A 115 -14.50 4.15 5.04
C GLN A 115 -14.51 2.66 4.78
N SER A 116 -15.54 2.18 4.12
CA SER A 116 -15.63 0.75 3.82
C SER A 116 -15.97 0.50 2.36
N ALA A 117 -15.56 -0.67 1.87
CA ALA A 117 -15.86 -1.09 0.50
C ALA A 117 -16.26 -2.55 0.45
N TYR A 118 -17.15 -2.90 -0.48
CA TYR A 118 -17.57 -4.29 -0.68
C TYR A 118 -17.27 -4.70 -2.11
N ASP A 119 -16.54 -5.80 -2.27
CA ASP A 119 -16.09 -6.25 -3.57
C ASP A 119 -15.39 -5.14 -4.37
N GLY A 120 -14.65 -4.30 -3.65
CA GLY A 120 -13.82 -3.28 -4.25
C GLY A 120 -14.56 -1.99 -4.58
N LYS A 121 -15.84 -1.92 -4.22
CA LYS A 121 -16.66 -0.74 -4.50
C LYS A 121 -17.01 -0.02 -3.23
N ASP A 122 -16.94 1.31 -3.24
CA ASP A 122 -17.34 2.06 -2.05
C ASP A 122 -18.71 1.64 -1.55
N TYR A 123 -18.79 1.44 -0.24
CA TYR A 123 -20.00 0.93 0.39
C TYR A 123 -20.59 1.97 1.35
N ILE A 124 -19.84 2.32 2.39
CA ILE A 124 -20.28 3.36 3.33
C ILE A 124 -19.08 4.08 3.89
N ALA A 125 -19.23 5.36 4.15
CA ALA A 125 -18.16 6.15 4.75
C ALA A 125 -18.70 7.11 5.80
N LEU A 126 -17.94 7.28 6.87
CA LEU A 126 -18.19 8.36 7.81
C LEU A 126 -17.81 9.68 7.16
N ASN A 127 -18.72 10.65 7.24
CA ASN A 127 -18.45 11.95 6.68
C ASN A 127 -17.43 12.70 7.53
N GLU A 128 -16.87 13.77 6.98
CA GLU A 128 -15.81 14.51 7.69
C GLU A 128 -16.29 15.09 9.02
N ASP A 129 -17.60 15.32 9.13
CA ASP A 129 -18.20 15.78 10.39
C ASP A 129 -18.08 14.77 11.53
N LEU A 130 -17.70 13.52 11.20
CA LEU A 130 -17.66 12.43 12.18
C LEU A 130 -19.00 12.23 12.89
N SER A 131 -20.09 12.53 12.18
CA SER A 131 -21.42 12.51 12.77
CA SER A 131 -21.41 12.44 12.79
C SER A 131 -22.48 11.92 11.85
N SER A 132 -22.20 11.85 10.56
CA SER A 132 -23.17 11.36 9.58
C SER A 132 -22.47 10.44 8.57
N TRP A 133 -23.26 9.70 7.80
CA TRP A 133 -22.74 8.68 6.90
C TRP A 133 -23.13 8.97 5.47
N THR A 134 -22.29 8.51 4.55
CA THR A 134 -22.65 8.46 3.14
C THR A 134 -22.70 7.02 2.69
N ALA A 135 -23.89 6.57 2.33
CA ALA A 135 -24.12 5.19 1.86
C ALA A 135 -24.17 5.17 0.33
N ALA A 136 -23.50 4.20 -0.27
CA ALA A 136 -23.36 4.18 -1.72
C ALA A 136 -24.60 3.68 -2.47
N ASP A 137 -25.42 2.90 -1.79
CA ASP A 137 -26.57 2.25 -2.44
C ASP A 137 -27.59 1.81 -1.40
N THR A 138 -28.67 1.18 -1.85
CA THR A 138 -29.73 0.82 -0.92
C THR A 138 -29.34 -0.28 0.05
N ALA A 139 -28.33 -1.08 -0.31
CA ALA A 139 -27.81 -2.05 0.63
C ALA A 139 -27.07 -1.35 1.76
N ALA A 140 -26.18 -0.41 1.41
CA ALA A 140 -25.45 0.32 2.43
C ALA A 140 -26.37 1.15 3.31
N GLN A 141 -27.52 1.54 2.77
CA GLN A 141 -28.51 2.26 3.58
C GLN A 141 -29.01 1.41 4.75
N ILE A 142 -29.07 0.08 4.56
CA ILE A 142 -29.41 -0.79 5.67
C ILE A 142 -28.36 -0.68 6.77
N THR A 143 -27.07 -0.78 6.41
CA THR A 143 -26.01 -0.58 7.39
C THR A 143 -26.09 0.80 8.03
N GLN A 144 -26.32 1.82 7.21
CA GLN A 144 -26.44 3.19 7.71
C GLN A 144 -27.55 3.29 8.76
N ARG A 145 -28.70 2.70 8.44
CA ARG A 145 -29.81 2.77 9.39
C ARG A 145 -29.46 2.09 10.71
N LYS A 146 -28.82 0.91 10.63
CA LYS A 146 -28.37 0.21 11.83
CA LYS A 146 -28.36 0.21 11.83
C LYS A 146 -27.38 1.04 12.63
N TRP A 147 -26.44 1.66 11.94
CA TRP A 147 -25.40 2.43 12.61
C TRP A 147 -25.94 3.73 13.22
N GLU A 148 -26.91 4.33 12.55
CA GLU A 148 -27.61 5.51 13.09
C GLU A 148 -28.38 5.15 14.33
N ALA A 149 -29.08 4.01 14.30
CA ALA A 149 -29.89 3.59 15.43
C ALA A 149 -29.02 3.29 16.65
N ALA A 150 -27.80 2.83 16.41
CA ALA A 150 -26.89 2.48 17.49
C ALA A 150 -25.87 3.58 17.82
N ARG A 151 -26.02 4.74 17.18
CA ARG A 151 -25.10 5.86 17.39
C ARG A 151 -23.64 5.43 17.24
N VAL A 152 -23.35 4.72 16.16
CA VAL A 152 -21.99 4.30 15.85
C VAL A 152 -21.09 5.48 15.51
N ALA A 153 -21.64 6.51 14.87
CA ALA A 153 -20.82 7.67 14.51
C ALA A 153 -20.23 8.32 15.74
N GLU A 154 -21.00 8.36 16.83
CA GLU A 154 -20.54 8.92 18.09
C GLU A 154 -19.38 8.12 18.67
N GLN A 155 -19.44 6.81 18.51
CA GLN A 155 -18.36 5.93 18.95
C GLN A 155 -17.09 6.20 18.14
N LEU A 156 -17.26 6.34 16.82
CA LEU A 156 -16.10 6.63 15.97
C LEU A 156 -15.50 7.98 16.30
N ARG A 157 -16.35 8.97 16.51
CA ARG A 157 -15.85 10.30 16.84
C ARG A 157 -15.02 10.28 18.12
N ALA A 158 -15.51 9.58 19.13
CA ALA A 158 -14.80 9.47 20.40
C ALA A 158 -13.45 8.78 20.23
N TYR A 159 -13.44 7.72 19.43
CA TYR A 159 -12.22 6.98 19.18
C TYR A 159 -11.22 7.86 18.42
N LEU A 160 -11.69 8.50 17.36
CA LEU A 160 -10.82 9.26 16.47
C LEU A 160 -10.24 10.49 17.17
N GLU A 161 -11.05 11.15 17.99
CA GLU A 161 -10.61 12.38 18.68
C GLU A 161 -9.80 12.09 19.94
N GLY A 162 -9.88 10.86 20.42
CA GLY A 162 -9.19 10.47 21.65
C GLY A 162 -8.12 9.45 21.41
N THR A 163 -8.46 8.18 21.60
CA THR A 163 -7.55 7.06 21.41
C THR A 163 -6.63 7.18 20.19
N CYS A 164 -7.22 7.47 19.02
CA CYS A 164 -6.45 7.46 17.78
C CYS A 164 -5.32 8.50 17.79
N VAL A 165 -5.68 9.75 18.07
CA VAL A 165 -4.69 10.81 18.04
C VAL A 165 -3.70 10.67 19.20
N GLU A 166 -4.17 10.21 20.36
CA GLU A 166 -3.27 9.97 21.49
C GLU A 166 -2.20 8.93 21.16
N TRP A 167 -2.61 7.83 20.53
CA TRP A 167 -1.66 6.80 20.14
C TRP A 167 -0.76 7.26 19.01
N LEU A 168 -1.32 7.98 18.03
CA LEU A 168 -0.51 8.51 16.94
C LEU A 168 0.61 9.38 17.50
N ARG A 169 0.27 10.26 18.44
CA ARG A 169 1.29 11.14 19.01
C ARG A 169 2.36 10.34 19.75
N ARG A 170 1.94 9.27 20.44
CA ARG A 170 2.88 8.41 21.13
C ARG A 170 3.81 7.68 20.16
N HIS A 171 3.23 7.12 19.09
CA HIS A 171 4.04 6.44 18.07
C HIS A 171 5.05 7.39 17.44
N LEU A 172 4.60 8.62 17.17
CA LEU A 172 5.48 9.59 16.53
C LEU A 172 6.67 9.93 17.41
N GLU A 173 6.46 9.96 18.72
CA GLU A 173 7.59 10.19 19.64
C GLU A 173 8.50 8.98 19.73
N ASN A 174 7.93 7.80 19.97
CA ASN A 174 8.71 6.58 20.08
C ASN A 174 9.49 6.26 18.80
N GLY A 175 8.90 6.57 17.66
CA GLY A 175 9.58 6.32 16.39
C GLY A 175 10.13 7.57 15.72
N LYS A 176 10.42 8.61 16.48
CA LYS A 176 10.76 9.90 15.89
CA LYS A 176 10.77 9.90 15.89
C LYS A 176 11.98 9.87 14.98
N GLU A 177 12.94 8.99 15.29
CA GLU A 177 14.17 8.92 14.50
C GLU A 177 13.93 8.48 13.05
N THR A 178 12.82 7.79 12.81
CA THR A 178 12.46 7.35 11.46
C THR A 178 11.16 8.02 10.96
N LEU A 179 10.12 8.03 11.80
CA LEU A 179 8.83 8.57 11.37
C LEU A 179 8.90 10.06 11.09
N GLN A 180 9.78 10.76 11.81
CA GLN A 180 9.94 12.20 11.62
C GLN A 180 11.25 12.55 10.92
N ARG A 181 11.77 11.61 10.13
CA ARG A 181 12.95 11.85 9.33
C ARG A 181 12.59 11.64 7.87
N ALA A 182 12.76 12.67 7.06
CA ALA A 182 12.57 12.54 5.62
C ALA A 182 13.91 12.27 4.97
N ASP A 183 14.00 11.20 4.19
CA ASP A 183 15.22 10.85 3.47
C ASP A 183 15.07 11.27 2.01
N PRO A 184 15.97 12.14 1.54
CA PRO A 184 15.86 12.65 0.18
C PRO A 184 16.20 11.58 -0.86
N PRO A 185 15.67 11.75 -2.08
CA PRO A 185 16.01 10.83 -3.15
C PRO A 185 17.42 11.02 -3.64
N LYS A 186 18.07 9.91 -3.97
CA LYS A 186 19.30 9.93 -4.74
C LYS A 186 18.86 9.91 -6.19
N THR A 187 19.37 10.83 -6.99
CA THR A 187 18.86 11.04 -8.32
C THR A 187 19.92 10.93 -9.40
N HIS A 188 19.51 10.54 -10.60
CA HIS A 188 20.35 10.59 -11.78
C HIS A 188 19.52 10.46 -13.05
N VAL A 189 20.09 10.87 -14.18
CA VAL A 189 19.38 10.80 -15.44
C VAL A 189 20.13 9.85 -16.36
N THR A 190 19.41 8.89 -16.93
CA THR A 190 20.00 7.98 -17.89
C THR A 190 19.49 8.29 -19.30
N HIS A 191 20.25 7.82 -20.29
CA HIS A 191 19.98 8.11 -21.68
C HIS A 191 20.09 6.81 -22.45
N HIS A 192 19.09 6.52 -23.27
CA HIS A 192 19.11 5.29 -24.05
C HIS A 192 18.56 5.53 -25.45
N PRO A 193 19.44 5.48 -26.46
CA PRO A 193 18.97 5.66 -27.84
C PRO A 193 17.95 4.59 -28.22
N ILE A 194 16.91 5.02 -28.93
CA ILE A 194 15.83 4.14 -29.40
C ILE A 194 16.07 3.85 -30.87
N SER A 195 16.53 4.87 -31.57
CA SER A 195 16.77 4.81 -33.00
C SER A 195 17.72 5.94 -33.33
N ASP A 196 17.99 6.16 -34.60
CA ASP A 196 18.91 7.21 -35.03
C ASP A 196 18.49 8.64 -34.66
N HIS A 197 17.20 8.85 -34.46
CA HIS A 197 16.73 10.21 -34.21
C HIS A 197 15.88 10.36 -32.95
N GLU A 198 15.79 9.30 -32.15
CA GLU A 198 15.08 9.37 -30.86
C GLU A 198 15.84 8.67 -29.73
N ALA A 199 15.75 9.21 -28.53
CA ALA A 199 16.34 8.58 -27.36
C ALA A 199 15.43 8.75 -26.15
N THR A 200 15.56 7.84 -25.18
CA THR A 200 14.82 7.96 -23.93
C THR A 200 15.70 8.61 -22.88
N LEU A 201 15.17 9.63 -22.21
CA LEU A 201 15.79 10.16 -21.01
C LEU A 201 14.96 9.68 -19.84
N ARG A 202 15.60 9.05 -18.87
CA ARG A 202 14.89 8.54 -17.69
C ARG A 202 15.46 9.19 -16.42
N CYS A 203 14.59 9.84 -15.66
CA CYS A 203 14.98 10.51 -14.43
C CYS A 203 14.64 9.62 -13.25
N TRP A 204 15.64 9.27 -12.46
CA TRP A 204 15.52 8.32 -11.34
C TRP A 204 15.53 8.99 -9.98
N ALA A 205 14.70 8.50 -9.09
CA ALA A 205 14.72 8.87 -7.68
C ALA A 205 14.73 7.59 -6.86
N LEU A 206 15.73 7.46 -5.99
CA LEU A 206 15.95 6.24 -5.23
C LEU A 206 16.20 6.55 -3.76
N GLY A 207 15.78 5.63 -2.89
CA GLY A 207 16.10 5.70 -1.48
C GLY A 207 15.40 6.80 -0.68
N PHE A 208 14.23 7.24 -1.14
CA PHE A 208 13.54 8.32 -0.44
C PHE A 208 12.43 7.87 0.51
N TYR A 209 12.16 8.70 1.51
CA TYR A 209 11.05 8.46 2.43
C TYR A 209 10.63 9.84 2.90
N PRO A 210 9.31 10.09 2.96
CA PRO A 210 8.19 9.22 2.63
C PRO A 210 8.01 9.12 1.12
N ALA A 211 6.97 8.40 0.71
CA ALA A 211 6.75 8.08 -0.71
C ALA A 211 6.35 9.26 -1.55
N GLU A 212 5.74 10.28 -0.94
CA GLU A 212 5.30 11.46 -1.66
C GLU A 212 6.49 12.12 -2.36
N ILE A 213 6.39 12.30 -3.67
CA ILE A 213 7.46 12.91 -4.44
C ILE A 213 6.85 13.46 -5.73
N THR A 214 7.50 14.47 -6.31
CA THR A 214 7.10 14.97 -7.61
C THR A 214 8.30 14.90 -8.55
N LEU A 215 8.16 14.12 -9.62
CA LEU A 215 9.18 14.01 -10.66
C LEU A 215 8.55 14.45 -11.96
N THR A 216 9.12 15.47 -12.58
CA THR A 216 8.53 15.98 -13.81
C THR A 216 9.63 16.22 -14.83
N TRP A 217 9.27 16.10 -16.11
CA TRP A 217 10.17 16.49 -17.19
C TRP A 217 9.65 17.78 -17.81
N GLN A 218 10.55 18.73 -18.04
CA GLN A 218 10.20 19.93 -18.78
C GLN A 218 10.96 20.00 -20.11
N ARG A 219 10.32 20.56 -21.13
CA ARG A 219 10.95 20.81 -22.41
C ARG A 219 10.85 22.30 -22.65
N ASP A 220 11.99 22.97 -22.76
CA ASP A 220 12.03 24.43 -22.85
C ASP A 220 11.22 25.08 -21.72
N GLY A 221 11.26 24.48 -20.54
CA GLY A 221 10.60 25.04 -19.36
C GLY A 221 9.12 24.75 -19.23
N GLU A 222 8.56 23.95 -20.13
CA GLU A 222 7.16 23.58 -20.06
C GLU A 222 6.99 22.12 -19.68
N ASP A 223 6.09 21.87 -18.73
CA ASP A 223 5.82 20.51 -18.29
C ASP A 223 5.38 19.61 -19.44
N GLN A 224 5.94 18.41 -19.49
CA GLN A 224 5.64 17.43 -20.52
C GLN A 224 4.74 16.35 -19.98
N THR A 225 3.66 16.76 -19.30
CA THR A 225 2.79 15.82 -18.60
C THR A 225 2.30 14.70 -19.50
N GLN A 226 1.77 15.06 -20.66
CA GLN A 226 1.21 14.07 -21.57
C GLN A 226 2.26 13.12 -22.15
N ASP A 227 3.48 13.61 -22.34
CA ASP A 227 4.51 12.82 -22.98
C ASP A 227 5.45 12.12 -22.00
N THR A 228 5.19 12.29 -20.71
CA THR A 228 6.01 11.65 -19.68
C THR A 228 5.40 10.33 -19.22
N GLU A 229 6.24 9.29 -19.18
CA GLU A 229 5.87 8.01 -18.61
C GLU A 229 6.36 7.95 -17.16
N LEU A 230 5.41 7.83 -16.24
CA LEU A 230 5.70 7.81 -14.80
C LEU A 230 5.36 6.46 -14.21
N VAL A 231 6.34 5.69 -13.73
CA VAL A 231 5.96 4.45 -13.05
C VAL A 231 5.43 4.73 -11.66
N GLU A 232 4.62 3.80 -11.16
CA GLU A 232 4.10 3.90 -9.81
C GLU A 232 5.27 3.87 -8.83
N THR A 233 5.23 4.74 -7.83
CA THR A 233 6.18 4.70 -6.73
C THR A 233 6.15 3.34 -6.08
N ARG A 234 7.32 2.76 -5.87
CA ARG A 234 7.45 1.35 -5.49
C ARG A 234 8.37 1.22 -4.28
N PRO A 235 8.07 0.28 -3.39
CA PRO A 235 8.89 0.11 -2.18
C PRO A 235 10.18 -0.66 -2.47
N ALA A 236 11.29 -0.19 -1.89
CA ALA A 236 12.56 -0.88 -2.05
C ALA A 236 12.70 -2.07 -1.11
N GLY A 237 11.95 -2.05 -0.02
CA GLY A 237 12.02 -3.09 1.00
C GLY A 237 12.86 -2.74 2.22
N ASP A 238 13.47 -1.56 2.22
CA ASP A 238 14.28 -1.09 3.34
C ASP A 238 13.67 0.20 3.94
N ARG A 239 12.36 0.34 3.77
CA ARG A 239 11.54 1.51 4.18
C ARG A 239 11.45 2.57 3.10
N THR A 240 12.43 2.61 2.20
CA THR A 240 12.47 3.67 1.19
C THR A 240 11.70 3.29 -0.07
N PHE A 241 11.54 4.28 -0.93
CA PHE A 241 10.79 4.14 -2.17
C PHE A 241 11.65 4.54 -3.37
N GLN A 242 11.17 4.14 -4.55
CA GLN A 242 11.84 4.36 -5.82
C GLN A 242 10.81 4.83 -6.84
N LYS A 243 11.24 5.67 -7.79
CA LYS A 243 10.35 6.12 -8.85
C LYS A 243 11.20 6.58 -10.02
N TRP A 244 10.67 6.45 -11.23
CA TRP A 244 11.26 7.12 -12.38
C TRP A 244 10.24 7.75 -13.31
N ALA A 245 10.74 8.67 -14.15
CA ALA A 245 9.93 9.36 -15.14
C ALA A 245 10.76 9.38 -16.41
N ALA A 246 10.14 9.05 -17.54
CA ALA A 246 10.88 8.96 -18.78
C ALA A 246 10.18 9.76 -19.88
N VAL A 247 10.99 10.32 -20.77
CA VAL A 247 10.46 11.02 -21.93
C VAL A 247 11.28 10.59 -23.15
N VAL A 248 10.62 10.50 -24.30
CA VAL A 248 11.28 10.16 -25.55
C VAL A 248 11.56 11.46 -26.29
N VAL A 249 12.83 11.69 -26.62
CA VAL A 249 13.23 12.99 -27.13
C VAL A 249 13.94 12.85 -28.47
N PRO A 250 13.86 13.89 -29.30
CA PRO A 250 14.59 13.82 -30.58
C PRO A 250 16.09 13.89 -30.32
N SER A 251 16.87 13.09 -31.05
CA SER A 251 18.33 13.09 -30.90
C SER A 251 18.87 14.48 -31.13
N GLY A 252 19.77 14.92 -30.26
CA GLY A 252 20.35 16.24 -30.38
C GLY A 252 19.59 17.31 -29.62
N GLU A 253 18.37 16.99 -29.20
CA GLU A 253 17.57 17.96 -28.46
C GLU A 253 17.58 17.72 -26.94
N GLU A 254 18.45 16.84 -26.48
CA GLU A 254 18.49 16.45 -25.06
C GLU A 254 18.61 17.62 -24.09
N GLN A 255 19.34 18.67 -24.48
CA GLN A 255 19.60 19.76 -23.55
C GLN A 255 18.39 20.68 -23.35
N ARG A 256 17.35 20.51 -24.15
CA ARG A 256 16.13 21.25 -23.97
C ARG A 256 15.27 20.65 -22.86
N TYR A 257 15.70 19.51 -22.32
CA TYR A 257 14.91 18.79 -21.32
C TYR A 257 15.52 18.82 -19.93
N THR A 258 14.70 19.10 -18.92
CA THR A 258 15.18 19.11 -17.55
C THR A 258 14.22 18.30 -16.69
N CYS A 259 14.78 17.55 -15.74
CA CYS A 259 13.97 16.80 -14.80
C CYS A 259 13.93 17.57 -13.49
N HIS A 260 12.73 17.73 -12.94
CA HIS A 260 12.56 18.47 -11.70
C HIS A 260 12.09 17.54 -10.61
N VAL A 261 12.75 17.61 -9.46
CA VAL A 261 12.50 16.69 -8.35
C VAL A 261 12.15 17.48 -7.09
N GLN A 262 10.99 17.21 -6.54
CA GLN A 262 10.54 17.82 -5.30
C GLN A 262 10.32 16.73 -4.27
N HIS A 263 10.94 16.89 -3.11
CA HIS A 263 10.77 15.96 -2.00
C HIS A 263 11.11 16.60 -0.67
N GLU A 264 10.34 16.24 0.37
CA GLU A 264 10.53 16.77 1.74
C GLU A 264 11.96 16.68 2.31
N GLY A 265 12.70 15.65 1.92
CA GLY A 265 14.03 15.44 2.48
C GLY A 265 15.13 16.25 1.81
N LEU A 266 14.78 16.91 0.71
CA LEU A 266 15.73 17.74 -0.03
C LEU A 266 15.78 19.13 0.58
N PRO A 267 17.00 19.68 0.74
CA PRO A 267 17.13 21.07 1.19
C PRO A 267 16.51 22.04 0.20
N LYS A 268 16.55 21.68 -1.08
CA LYS A 268 15.92 22.47 -2.13
C LYS A 268 15.59 21.58 -3.32
N PRO A 269 14.55 21.93 -4.09
CA PRO A 269 14.21 21.14 -5.28
C PRO A 269 15.38 21.03 -6.26
N LEU A 270 15.42 19.92 -6.97
CA LEU A 270 16.53 19.61 -7.87
C LEU A 270 16.11 19.84 -9.31
N THR A 271 17.06 20.30 -10.10
CA THR A 271 16.87 20.39 -11.54
C THR A 271 18.02 19.61 -12.18
N LEU A 272 17.68 18.56 -12.91
CA LEU A 272 18.67 17.66 -13.47
C LEU A 272 18.62 17.67 -14.99
N ARG A 273 19.79 17.53 -15.61
CA ARG A 273 19.87 17.35 -17.05
C ARG A 273 20.69 16.10 -17.30
N TRP A 274 20.58 15.57 -18.51
CA TRP A 274 21.44 14.46 -18.88
C TRP A 274 22.88 14.94 -19.06
N GLU A 275 23.83 14.21 -18.47
CA GLU A 275 25.24 14.53 -18.61
C GLU A 275 25.96 13.46 -19.44
N PRO A 276 26.16 13.72 -20.74
CA PRO A 276 26.79 12.78 -21.66
C PRO A 276 28.13 12.23 -21.19
N ILE B 1 -16.85 -6.89 -10.99
CA ILE B 1 -15.78 -6.01 -11.45
C ILE B 1 -14.45 -6.34 -10.79
N GLN B 2 -13.47 -6.70 -11.61
CA GLN B 2 -12.15 -7.09 -11.11
C GLN B 2 -11.07 -6.21 -11.73
N ARG B 3 -9.91 -6.17 -11.09
CA ARG B 3 -8.81 -5.34 -11.56
C ARG B 3 -7.54 -6.15 -11.67
N THR B 4 -6.87 -6.03 -12.81
CA THR B 4 -5.68 -6.83 -13.07
C THR B 4 -4.44 -6.21 -12.45
N PRO B 5 -3.50 -7.05 -11.98
CA PRO B 5 -2.32 -6.45 -11.34
C PRO B 5 -1.37 -5.74 -12.27
N LYS B 6 -0.87 -4.59 -11.81
CA LYS B 6 0.36 -4.01 -12.34
C LYS B 6 1.52 -4.75 -11.72
N ILE B 7 2.63 -4.83 -12.45
CA ILE B 7 3.77 -5.64 -12.02
C ILE B 7 5.05 -4.88 -12.31
N GLN B 8 5.89 -4.71 -11.29
CA GLN B 8 7.24 -4.20 -11.52
C GLN B 8 8.24 -5.15 -10.90
N VAL B 9 9.33 -5.39 -11.62
CA VAL B 9 10.41 -6.26 -11.16
C VAL B 9 11.72 -5.47 -11.14
N TYR B 10 12.41 -5.47 -10.00
CA TYR B 10 13.51 -4.53 -9.78
C TYR B 10 14.32 -4.93 -8.58
N SER B 11 15.46 -4.26 -8.38
CA SER B 11 16.31 -4.59 -7.23
C SER B 11 16.24 -3.51 -6.16
N ARG B 12 16.50 -3.90 -4.92
CA ARG B 12 16.50 -2.96 -3.81
C ARG B 12 17.58 -1.89 -3.98
N HIS B 13 18.77 -2.36 -4.34
CA HIS B 13 19.93 -1.50 -4.54
C HIS B 13 20.34 -1.55 -6.01
N PRO B 14 21.07 -0.53 -6.48
CA PRO B 14 21.58 -0.58 -7.86
C PRO B 14 22.34 -1.87 -8.09
N ALA B 15 22.09 -2.53 -9.21
CA ALA B 15 22.62 -3.86 -9.43
C ALA B 15 24.10 -3.83 -9.77
N GLU B 16 24.86 -4.69 -9.11
CA GLU B 16 26.28 -4.83 -9.40
C GLU B 16 26.62 -6.31 -9.40
N ASN B 17 27.09 -6.82 -10.54
CA ASN B 17 27.39 -8.24 -10.67
C ASN B 17 28.32 -8.75 -9.57
N GLY B 18 28.00 -9.92 -9.03
CA GLY B 18 28.78 -10.49 -7.95
C GLY B 18 28.42 -10.02 -6.56
N LYS B 19 27.62 -8.95 -6.48
CA LYS B 19 27.26 -8.36 -5.18
C LYS B 19 25.83 -8.69 -4.74
N SER B 20 25.69 -9.20 -3.53
CA SER B 20 24.38 -9.57 -2.98
C SER B 20 23.44 -8.37 -2.91
N ASN B 21 22.17 -8.61 -3.24
CA ASN B 21 21.16 -7.57 -3.38
C ASN B 21 19.82 -8.20 -3.00
N PHE B 22 18.70 -7.49 -3.22
CA PHE B 22 17.38 -8.09 -3.11
C PHE B 22 16.63 -7.91 -4.41
N LEU B 23 15.97 -8.98 -4.86
CA LEU B 23 15.13 -8.94 -6.04
C LEU B 23 13.69 -8.77 -5.58
N ASN B 24 13.03 -7.75 -6.13
CA ASN B 24 11.66 -7.41 -5.74
C ASN B 24 10.69 -7.61 -6.89
N CYS B 25 9.50 -8.10 -6.55
CA CYS B 25 8.39 -8.05 -7.47
C CYS B 25 7.25 -7.37 -6.73
N TYR B 26 6.87 -6.20 -7.20
CA TYR B 26 5.79 -5.42 -6.60
C TYR B 26 4.56 -5.56 -7.47
N VAL B 27 3.50 -6.13 -6.90
CA VAL B 27 2.22 -6.26 -7.60
C VAL B 27 1.23 -5.33 -6.94
N SER B 28 0.46 -4.61 -7.74
CA SER B 28 -0.40 -3.59 -7.16
C SER B 28 -1.60 -3.35 -8.05
N GLY B 29 -2.58 -2.62 -7.55
CA GLY B 29 -3.71 -2.24 -8.36
C GLY B 29 -4.69 -3.36 -8.69
N PHE B 30 -4.59 -4.47 -7.99
CA PHE B 30 -5.43 -5.63 -8.32
C PHE B 30 -6.59 -5.84 -7.34
N HIS B 31 -7.60 -6.56 -7.79
CA HIS B 31 -8.76 -6.90 -6.99
C HIS B 31 -9.45 -8.05 -7.72
N PRO B 32 -9.78 -9.15 -7.02
CA PRO B 32 -9.67 -9.39 -5.58
C PRO B 32 -8.23 -9.66 -5.14
N SER B 33 -8.06 -9.92 -3.85
CA SER B 33 -6.72 -9.99 -3.27
C SER B 33 -5.95 -11.28 -3.53
N ASP B 34 -6.62 -12.38 -3.83
CA ASP B 34 -5.91 -13.62 -4.10
C ASP B 34 -5.03 -13.46 -5.34
N ILE B 35 -3.77 -13.84 -5.19
CA ILE B 35 -2.80 -13.67 -6.25
C ILE B 35 -1.68 -14.66 -6.01
N GLU B 36 -1.07 -15.10 -7.10
CA GLU B 36 0.04 -16.05 -7.03
C GLU B 36 1.25 -15.36 -7.64
N VAL B 37 2.34 -15.26 -6.88
CA VAL B 37 3.55 -14.63 -7.38
C VAL B 37 4.77 -15.53 -7.12
N ASP B 38 5.53 -15.82 -8.16
CA ASP B 38 6.78 -16.56 -8.04
C ASP B 38 7.93 -15.70 -8.57
N LEU B 39 9.08 -15.80 -7.93
CA LEU B 39 10.28 -15.20 -8.50
C LEU B 39 11.05 -16.32 -9.17
N LEU B 40 11.61 -16.03 -10.34
CA LEU B 40 12.30 -17.05 -11.14
C LEU B 40 13.76 -16.73 -11.40
N LYS B 41 14.61 -17.76 -11.28
CA LYS B 41 16.00 -17.66 -11.68
C LYS B 41 16.24 -18.65 -12.82
N ASN B 42 16.54 -18.12 -14.00
CA ASN B 42 16.72 -18.95 -15.19
C ASN B 42 15.52 -19.88 -15.44
N GLY B 43 14.33 -19.32 -15.25
CA GLY B 43 13.08 -20.02 -15.53
C GLY B 43 12.59 -20.91 -14.40
N GLU B 44 13.37 -21.04 -13.34
CA GLU B 44 13.01 -21.91 -12.24
C GLU B 44 12.54 -21.14 -11.01
N ARG B 45 11.55 -21.68 -10.31
CA ARG B 45 11.02 -21.01 -9.11
C ARG B 45 12.04 -20.93 -7.97
N ILE B 46 12.26 -19.72 -7.46
CA ILE B 46 13.09 -19.54 -6.28
C ILE B 46 12.31 -19.95 -5.03
N GLU B 47 12.95 -20.72 -4.15
CA GLU B 47 12.31 -21.23 -2.94
CA GLU B 47 12.27 -21.21 -2.96
C GLU B 47 12.33 -20.20 -1.80
N LYS B 48 11.32 -20.23 -0.94
CA LYS B 48 11.28 -19.39 0.26
C LYS B 48 11.32 -17.88 0.01
N VAL B 49 10.61 -17.45 -1.03
CA VAL B 49 10.42 -16.04 -1.28
C VAL B 49 9.48 -15.49 -0.21
N GLU B 50 9.78 -14.32 0.33
CA GLU B 50 8.93 -13.68 1.33
C GLU B 50 8.08 -12.59 0.73
N HIS B 51 7.04 -12.19 1.45
CA HIS B 51 6.22 -11.09 0.98
C HIS B 51 5.69 -10.23 2.11
N SER B 52 5.27 -9.03 1.75
CA SER B 52 4.70 -8.12 2.70
C SER B 52 3.29 -8.54 3.12
N ASP B 53 2.82 -7.95 4.21
CA ASP B 53 1.46 -8.17 4.67
C ASP B 53 0.47 -7.45 3.75
N LEU B 54 -0.65 -8.13 3.47
CA LEU B 54 -1.65 -7.58 2.56
C LEU B 54 -2.19 -6.23 3.01
N SER B 55 -2.12 -5.25 2.13
CA SER B 55 -2.73 -3.95 2.40
C SER B 55 -3.29 -3.42 1.10
N PHE B 56 -3.86 -2.22 1.14
CA PHE B 56 -4.49 -1.69 -0.07
C PHE B 56 -4.38 -0.19 -0.13
N SER B 57 -4.59 0.32 -1.33
CA SER B 57 -4.47 1.74 -1.62
C SER B 57 -5.80 2.47 -1.43
N LYS B 58 -5.79 3.78 -1.59
CA LYS B 58 -7.00 4.56 -1.40
C LYS B 58 -8.15 4.16 -2.33
N ASP B 59 -7.82 3.65 -3.51
CA ASP B 59 -8.85 3.17 -4.43
C ASP B 59 -9.31 1.73 -4.16
N TRP B 60 -8.88 1.18 -3.02
CA TRP B 60 -9.24 -0.17 -2.53
C TRP B 60 -8.45 -1.30 -3.19
N SER B 61 -7.62 -0.97 -4.18
CA SER B 61 -6.88 -2.04 -4.85
C SER B 61 -5.72 -2.49 -3.98
N PHE B 62 -5.38 -3.77 -4.09
CA PHE B 62 -4.38 -4.36 -3.19
C PHE B 62 -2.97 -4.22 -3.72
N TYR B 63 -1.99 -4.34 -2.82
CA TYR B 63 -0.59 -4.38 -3.24
C TYR B 63 0.19 -5.28 -2.32
N LEU B 64 1.21 -5.91 -2.89
CA LEU B 64 2.12 -6.79 -2.17
C LEU B 64 3.51 -6.67 -2.77
N LEU B 65 4.52 -6.72 -1.91
CA LEU B 65 5.91 -6.81 -2.33
C LEU B 65 6.43 -8.21 -2.04
N TYR B 66 6.90 -8.90 -3.08
CA TYR B 66 7.55 -10.20 -2.93
C TYR B 66 9.04 -9.98 -3.11
N TYR B 67 9.85 -10.63 -2.29
CA TYR B 67 11.28 -10.34 -2.32
C TYR B 67 12.14 -11.51 -1.88
N THR B 68 13.37 -11.54 -2.39
CA THR B 68 14.33 -12.56 -2.03
C THR B 68 15.75 -12.05 -2.25
N GLU B 69 16.69 -12.58 -1.48
CA GLU B 69 18.10 -12.26 -1.66
C GLU B 69 18.55 -12.81 -3.01
N PHE B 70 19.37 -12.03 -3.71
CA PHE B 70 19.99 -12.54 -4.94
C PHE B 70 21.30 -11.84 -5.26
N THR B 71 22.13 -12.53 -6.02
CA THR B 71 23.40 -11.99 -6.47
C THR B 71 23.38 -11.98 -7.98
N PRO B 72 23.13 -10.80 -8.58
CA PRO B 72 23.03 -10.72 -10.04
C PRO B 72 24.36 -11.01 -10.69
N THR B 73 24.33 -11.67 -11.83
CA THR B 73 25.51 -11.93 -12.63
C THR B 73 25.22 -11.45 -14.04
N GLU B 74 26.19 -11.55 -14.93
CA GLU B 74 25.97 -11.14 -16.32
C GLU B 74 25.03 -12.10 -17.02
N LYS B 75 25.12 -13.39 -16.66
CA LYS B 75 24.45 -14.45 -17.40
C LYS B 75 23.08 -14.87 -16.84
N ASP B 76 22.92 -14.78 -15.53
CA ASP B 76 21.68 -15.23 -14.89
C ASP B 76 20.49 -14.34 -15.25
N GLU B 77 19.37 -14.98 -15.56
CA GLU B 77 18.15 -14.25 -15.91
C GLU B 77 17.15 -14.36 -14.76
N TYR B 78 16.57 -13.24 -14.35
CA TYR B 78 15.58 -13.23 -13.28
C TYR B 78 14.26 -12.70 -13.80
N ALA B 79 13.17 -13.15 -13.18
CA ALA B 79 11.84 -12.78 -13.62
C ALA B 79 10.81 -12.98 -12.51
N CYS B 80 9.61 -12.44 -12.71
CA CYS B 80 8.49 -12.61 -11.80
C CYS B 80 7.34 -13.19 -12.61
N ARG B 81 6.70 -14.22 -12.05
CA ARG B 81 5.55 -14.83 -12.71
C ARG B 81 4.32 -14.63 -11.85
N VAL B 82 3.30 -14.02 -12.43
CA VAL B 82 2.11 -13.64 -11.69
C VAL B 82 0.86 -14.28 -12.28
N ASN B 83 0.05 -14.90 -11.42
CA ASN B 83 -1.27 -15.33 -11.85
C ASN B 83 -2.34 -14.70 -10.97
N HIS B 84 -3.49 -14.42 -11.56
CA HIS B 84 -4.58 -13.75 -10.90
C HIS B 84 -5.82 -14.13 -11.68
N VAL B 85 -7.00 -14.02 -11.06
CA VAL B 85 -8.24 -14.42 -11.72
C VAL B 85 -8.48 -13.65 -13.03
N THR B 86 -7.99 -12.41 -13.11
CA THR B 86 -8.11 -11.60 -14.31
C THR B 86 -7.22 -12.05 -15.47
N LEU B 87 -6.31 -12.98 -15.22
CA LEU B 87 -5.34 -13.39 -16.22
C LEU B 87 -5.66 -14.78 -16.80
N SER B 88 -5.67 -14.89 -18.12
CA SER B 88 -5.95 -16.17 -18.77
C SER B 88 -4.81 -17.15 -18.51
N GLN B 89 -3.59 -16.64 -18.52
CA GLN B 89 -2.39 -17.42 -18.28
C GLN B 89 -1.45 -16.58 -17.43
N PRO B 90 -0.52 -17.23 -16.71
CA PRO B 90 0.42 -16.48 -15.88
C PRO B 90 1.20 -15.47 -16.71
N LYS B 91 1.43 -14.29 -16.14
CA LYS B 91 2.19 -13.25 -16.81
C LYS B 91 3.63 -13.29 -16.30
N ILE B 92 4.58 -13.29 -17.23
CA ILE B 92 5.98 -13.28 -16.84
C ILE B 92 6.57 -11.93 -17.20
N VAL B 93 7.21 -11.31 -16.22
CA VAL B 93 7.90 -10.05 -16.44
C VAL B 93 9.36 -10.23 -16.07
N LYS B 94 10.24 -9.99 -17.03
CA LYS B 94 11.67 -10.19 -16.83
C LYS B 94 12.28 -9.01 -16.09
N TRP B 95 13.26 -9.29 -15.25
CA TRP B 95 14.01 -8.22 -14.60
C TRP B 95 14.94 -7.52 -15.60
N ASP B 96 14.80 -6.21 -15.69
CA ASP B 96 15.68 -5.36 -16.47
C ASP B 96 16.29 -4.38 -15.49
N ARG B 97 17.61 -4.40 -15.34
CA ARG B 97 18.26 -3.54 -14.35
C ARG B 97 18.14 -2.05 -14.68
N ASP B 98 17.63 -1.71 -15.86
CA ASP B 98 17.42 -0.32 -16.24
C ASP B 98 15.96 0.11 -16.10
N MET B 99 15.18 -0.61 -15.32
CA MET B 99 13.74 -0.31 -15.18
C MET B 99 13.24 -0.42 -13.75
N SER C 1 -3.96 2.07 19.59
CA SER C 1 -4.69 0.80 19.50
C SER C 1 -5.86 0.89 18.54
N GLU C 2 -6.36 -0.27 18.15
CA GLU C 2 -7.48 -0.38 17.22
C GLU C 2 -8.84 -0.14 17.86
N LEU C 3 -9.83 -0.10 16.98
CA LEU C 3 -11.22 0.06 17.32
C LEU C 3 -11.92 -1.29 17.18
N GLU C 4 -12.76 -1.62 18.15
CA GLU C 4 -13.68 -2.74 18.03
C GLU C 4 -14.88 -2.28 17.19
N ILE C 5 -15.00 -2.81 15.98
CA ILE C 5 -16.02 -2.35 15.03
C ILE C 5 -17.39 -2.98 15.24
N LYS C 6 -18.40 -2.35 14.64
CA LYS C 6 -19.77 -2.82 14.73
C LYS C 6 -20.21 -3.56 13.47
N ARG C 7 -21.12 -4.50 13.65
CA ARG C 7 -21.60 -5.31 12.54
C ARG C 7 -22.28 -4.47 11.47
N TYR C 8 -22.05 -4.81 10.21
CA TYR C 8 -22.69 -4.11 9.10
C TYR C 8 -24.11 -4.61 8.90
#